data_6A7C
#
_entry.id   6A7C
#
_cell.length_a   82.942
_cell.length_b   82.942
_cell.length_c   77.489
_cell.angle_alpha   90.000
_cell.angle_beta   90.000
_cell.angle_gamma   120.000
#
_symmetry.space_group_name_H-M   'H 3'
#
loop_
_entity.id
_entity.type
_entity.pdbx_description
1 polymer 'Dihydrofolate reductase'
2 non-polymer 'NADPH DIHYDRO-NICOTINAMIDE-ADENINE-DINUCLEOTIDE PHOSPHATE'
3 non-polymer 5-(3-{3-[(2,4-diamino-6-ethylpyrimidin-5-yl)oxy]propoxy}phenyl)-6-ethylpyrimidine-2,4-diamine
4 non-polymer 'SULFATE ION'
5 water water
#
_entity_poly.entity_id   1
_entity_poly.type   'polypeptide(L)'
_entity_poly.pdbx_seq_one_letter_code
;VGSLNCIVAVSQNMGIGKNGDLPWPPLRNEFRYFQRMTTTSSVEGKQNLVIMGKKTWFSIPEKNRPLKGRINLVLSRELK
EPPQGAHFLSRSLDDALKLTEQPELANKVDMVWIVGGSSVYKEAMNHPGHLKLFVTRIMQDFESDTFFPEIDLEKYKLLP
EYPGVLSDVQEEKGIKYKFEVYEKND
;
_entity_poly.pdbx_strand_id   A
#
loop_
_chem_comp.id
_chem_comp.type
_chem_comp.name
_chem_comp.formula
9QO non-polymer 5-(3-{3-[(2,4-diamino-6-ethylpyrimidin-5-yl)oxy]propoxy}phenyl)-6-ethylpyrimidine-2,4-diamine 'C21 H28 N8 O2'
NDP non-polymer 'NADPH DIHYDRO-NICOTINAMIDE-ADENINE-DINUCLEOTIDE PHOSPHATE' 'C21 H30 N7 O17 P3'
SO4 non-polymer 'SULFATE ION' 'O4 S -2'
#
# COMPACT_ATOMS: atom_id res chain seq x y z
N VAL A 1 7.58 12.77 -10.79
CA VAL A 1 6.87 11.82 -9.87
C VAL A 1 7.57 11.83 -8.53
N GLY A 2 6.80 11.67 -7.46
CA GLY A 2 7.30 11.75 -6.09
C GLY A 2 7.77 10.43 -5.50
N SER A 3 7.60 10.27 -4.20
CA SER A 3 8.14 9.14 -3.48
C SER A 3 7.41 7.86 -3.79
N LEU A 4 8.14 6.74 -3.69
CA LEU A 4 7.54 5.40 -3.75
C LEU A 4 7.40 4.86 -2.33
N ASN A 5 6.21 4.36 -2.03
CA ASN A 5 5.83 3.95 -0.68
C ASN A 5 5.08 2.64 -0.77
N CYS A 6 5.25 1.79 0.25
CA CYS A 6 4.31 0.71 0.52
C CYS A 6 3.48 1.06 1.73
N ILE A 7 2.25 0.54 1.75
CA ILE A 7 1.40 0.63 2.92
C ILE A 7 0.63 -0.68 3.12
N VAL A 8 0.58 -1.09 4.39
CA VAL A 8 0.05 -2.38 4.81
C VAL A 8 -0.38 -2.32 6.27
N ALA A 9 -1.33 -3.19 6.61
CA ALA A 9 -1.69 -3.52 7.96
C ALA A 9 -1.41 -5.01 8.11
N VAL A 10 -0.66 -5.36 9.14
CA VAL A 10 -0.19 -6.71 9.36
C VAL A 10 -0.36 -7.15 10.81
N SER A 11 -0.77 -8.40 11.02
CA SER A 11 -0.90 -8.97 12.37
C SER A 11 0.45 -9.39 12.94
N GLN A 12 0.45 -9.79 14.21
CA GLN A 12 1.66 -10.25 14.89
C GLN A 12 2.33 -11.40 14.16
N ASN A 13 1.54 -12.29 13.60
CA ASN A 13 2.09 -13.43 12.86
C ASN A 13 2.32 -13.07 11.40
N MET A 14 2.42 -11.77 11.09
CA MET A 14 2.74 -11.28 9.75
C MET A 14 1.64 -11.50 8.71
N GLY A 15 0.42 -11.74 9.16
CA GLY A 15 -0.70 -11.99 8.26
C GLY A 15 -1.27 -10.70 7.71
N ILE A 16 -1.56 -10.71 6.41
CA ILE A 16 -2.23 -9.56 5.78
C ILE A 16 -3.56 -9.91 5.16
N GLY A 17 -3.80 -11.19 4.89
CA GLY A 17 -5.01 -11.60 4.21
C GLY A 17 -5.45 -13.02 4.54
N LYS A 18 -6.74 -13.26 4.38
CA LYS A 18 -7.32 -14.60 4.47
C LYS A 18 -8.47 -14.67 3.47
N ASN A 19 -8.34 -15.56 2.50
CA ASN A 19 -9.32 -15.72 1.45
C ASN A 19 -9.85 -14.43 0.88
N GLY A 20 -8.94 -13.60 0.40
CA GLY A 20 -9.31 -12.33 -0.21
C GLY A 20 -9.97 -11.32 0.70
N ASP A 21 -9.75 -11.45 2.01
CA ASP A 21 -10.31 -10.51 2.97
C ASP A 21 -9.28 -10.23 4.06
N LEU A 22 -9.56 -9.27 4.95
CA LEU A 22 -8.65 -8.99 6.08
C LEU A 22 -8.79 -10.10 7.14
N PRO A 23 -7.68 -10.49 7.79
CA PRO A 23 -7.74 -11.53 8.82
C PRO A 23 -8.53 -11.14 10.06
N TRP A 24 -8.74 -9.83 10.23
CA TRP A 24 -9.32 -9.28 11.43
C TRP A 24 -10.61 -8.56 11.05
N PRO A 25 -11.49 -8.35 12.04
CA PRO A 25 -12.68 -7.58 11.75
C PRO A 25 -12.36 -6.17 11.22
N PRO A 26 -13.32 -5.54 10.54
CA PRO A 26 -13.10 -4.20 10.02
C PRO A 26 -12.70 -3.21 11.10
N LEU A 27 -11.59 -2.51 10.89
CA LEU A 27 -11.17 -1.44 11.78
C LEU A 27 -11.34 -0.12 11.01
N ARG A 28 -12.41 0.62 11.32
CA ARG A 28 -12.83 1.79 10.55
C ARG A 28 -11.78 2.90 10.50
N ASN A 29 -11.20 3.21 11.64
CA ASN A 29 -10.20 4.26 11.66
C ASN A 29 -8.91 3.83 10.99
N GLU A 30 -8.64 2.53 11.00
CA GLU A 30 -7.50 2.01 10.25
C GLU A 30 -7.74 2.20 8.75
N PHE A 31 -8.95 1.94 8.27
CA PHE A 31 -9.37 2.22 6.88
C PHE A 31 -9.24 3.72 6.61
N ARG A 32 -9.70 4.55 7.53
CA ARG A 32 -9.61 6.00 7.34
C ARG A 32 -8.14 6.44 7.20
N TYR A 33 -7.28 5.88 8.01
CA TYR A 33 -5.82 6.17 7.95
C TYR A 33 -5.30 5.82 6.56
N PHE A 34 -5.60 4.60 6.13
CA PHE A 34 -5.16 4.14 4.81
C PHE A 34 -5.57 5.12 3.71
N GLN A 35 -6.83 5.52 3.76
CA GLN A 35 -7.40 6.40 2.77
C GLN A 35 -6.72 7.76 2.80
N ARG A 36 -6.64 8.36 3.97
CA ARG A 36 -6.01 9.67 4.15
C ARG A 36 -4.57 9.70 3.65
N MET A 37 -3.79 8.71 4.06
CA MET A 37 -2.35 8.66 3.73
C MET A 37 -2.12 8.47 2.22
N THR A 38 -2.86 7.55 1.61
CA THR A 38 -2.69 7.29 0.18
C THR A 38 -3.29 8.39 -0.71
N THR A 39 -4.34 9.07 -0.28
CA THR A 39 -5.00 10.05 -1.15
C THR A 39 -4.37 11.45 -1.03
N THR A 40 -3.82 11.78 0.13
CA THR A 40 -3.25 13.11 0.39
C THR A 40 -1.93 13.33 -0.36
N SER A 41 -1.98 14.24 -1.33
CA SER A 41 -0.80 14.69 -2.07
C SER A 41 -0.28 15.98 -1.42
N SER A 42 1.04 16.06 -1.28
CA SER A 42 1.70 17.25 -0.73
C SER A 42 1.82 18.39 -1.77
N VAL A 43 1.55 18.09 -3.04
CA VAL A 43 1.68 19.05 -4.13
C VAL A 43 0.31 19.41 -4.69
N GLU A 44 0.03 20.70 -4.79
CA GLU A 44 -1.24 21.17 -5.34
C GLU A 44 -1.31 20.82 -6.83
N GLY A 45 -2.50 20.44 -7.30
CA GLY A 45 -2.69 20.05 -8.69
C GLY A 45 -2.19 18.66 -9.08
N LYS A 46 -1.80 17.84 -8.10
CA LYS A 46 -1.36 16.46 -8.36
C LYS A 46 -2.20 15.43 -7.59
N GLN A 47 -2.25 14.21 -8.11
CA GLN A 47 -2.86 13.05 -7.42
C GLN A 47 -1.80 12.04 -7.09
N ASN A 48 -2.05 11.24 -6.06
CA ASN A 48 -1.25 10.06 -5.85
C ASN A 48 -1.74 8.89 -6.73
N LEU A 49 -0.86 7.92 -6.92
CA LEU A 49 -1.18 6.74 -7.69
C LEU A 49 -1.04 5.53 -6.79
N VAL A 50 -2.00 4.63 -6.87
CA VAL A 50 -1.95 3.36 -6.13
C VAL A 50 -1.68 2.23 -7.09
N ILE A 51 -0.73 1.39 -6.68
CA ILE A 51 -0.36 0.19 -7.43
C ILE A 51 -0.74 -1.04 -6.57
N MET A 52 -1.43 -1.99 -7.18
CA MET A 52 -1.80 -3.20 -6.48
C MET A 52 -1.82 -4.40 -7.43
N GLY A 53 -1.61 -5.59 -6.85
CA GLY A 53 -1.79 -6.81 -7.57
C GLY A 53 -3.25 -7.03 -7.91
N LYS A 54 -3.48 -7.90 -8.90
CA LYS A 54 -4.82 -8.26 -9.33
C LYS A 54 -5.71 -8.73 -8.17
N LYS A 55 -5.19 -9.59 -7.30
CA LYS A 55 -6.03 -10.16 -6.25
C LYS A 55 -6.39 -9.10 -5.24
N THR A 56 -5.47 -8.17 -4.97
CA THR A 56 -5.77 -7.03 -4.10
C THR A 56 -6.89 -6.18 -4.71
N TRP A 57 -6.81 -5.88 -6.01
CA TRP A 57 -7.88 -5.09 -6.66
C TRP A 57 -9.23 -5.75 -6.38
N PHE A 58 -9.32 -7.05 -6.64
CA PHE A 58 -10.59 -7.74 -6.55
C PHE A 58 -11.03 -8.03 -5.12
N SER A 59 -10.11 -7.92 -4.16
CA SER A 59 -10.48 -8.03 -2.76
C SER A 59 -11.12 -6.74 -2.23
N ILE A 60 -10.94 -5.61 -2.91
CA ILE A 60 -11.71 -4.42 -2.60
C ILE A 60 -13.14 -4.63 -3.11
N PRO A 61 -14.13 -4.46 -2.22
CA PRO A 61 -15.51 -4.63 -2.70
C PRO A 61 -15.86 -3.58 -3.75
N GLU A 62 -16.77 -3.89 -4.68
CA GLU A 62 -17.13 -2.94 -5.74
C GLU A 62 -17.43 -1.54 -5.21
N LYS A 63 -18.06 -1.49 -4.03
CA LYS A 63 -18.42 -0.25 -3.34
C LYS A 63 -17.24 0.66 -3.04
N ASN A 64 -16.05 0.09 -2.86
CA ASN A 64 -14.87 0.86 -2.46
C ASN A 64 -13.81 0.96 -3.57
N ARG A 65 -14.23 0.72 -4.80
CA ARG A 65 -13.30 0.37 -5.88
C ARG A 65 -13.78 1.14 -7.11
N PRO A 66 -12.93 1.95 -7.78
CA PRO A 66 -11.53 2.29 -7.52
C PRO A 66 -11.38 3.12 -6.26
N LEU A 67 -10.18 3.08 -5.69
CA LEU A 67 -9.86 3.94 -4.59
C LEU A 67 -9.94 5.39 -5.11
N LYS A 68 -10.92 6.14 -4.63
CA LYS A 68 -11.24 7.48 -5.12
C LYS A 68 -10.13 8.50 -4.88
N GLY A 69 -9.98 9.42 -5.83
CA GLY A 69 -9.03 10.54 -5.72
C GLY A 69 -7.58 10.12 -5.95
N ARG A 70 -7.39 8.86 -6.33
CA ARG A 70 -6.09 8.32 -6.70
C ARG A 70 -6.20 7.64 -8.05
N ILE A 71 -5.11 7.65 -8.80
CA ILE A 71 -4.98 6.83 -9.99
C ILE A 71 -4.73 5.37 -9.58
N ASN A 72 -5.52 4.45 -10.15
CA ASN A 72 -5.51 3.05 -9.76
C ASN A 72 -4.90 2.22 -10.87
N LEU A 73 -3.78 1.60 -10.54
CA LEU A 73 -3.03 0.79 -11.47
C LEU A 73 -2.94 -0.62 -10.91
N VAL A 74 -3.27 -1.59 -11.77
CA VAL A 74 -3.31 -2.99 -11.40
C VAL A 74 -2.19 -3.74 -12.14
N LEU A 75 -1.52 -4.64 -11.43
CA LEU A 75 -0.49 -5.45 -12.03
C LEU A 75 -1.02 -6.83 -12.34
N SER A 76 -0.82 -7.28 -13.58
CA SER A 76 -1.19 -8.61 -13.99
C SER A 76 -0.54 -8.90 -15.33
N ARG A 77 -0.15 -10.15 -15.51
CA ARG A 77 0.30 -10.63 -16.80
C ARG A 77 -0.76 -11.45 -17.56
N GLU A 78 -1.84 -11.85 -16.87
CA GLU A 78 -2.98 -12.53 -17.52
C GLU A 78 -3.96 -11.55 -18.14
N LEU A 79 -4.19 -10.44 -17.46
CA LEU A 79 -5.21 -9.51 -17.90
C LEU A 79 -4.74 -8.84 -19.20
N LYS A 80 -5.68 -8.56 -20.09
CA LYS A 80 -5.35 -7.84 -21.33
C LYS A 80 -5.73 -6.36 -21.24
N GLU A 81 -6.54 -5.99 -20.25
CA GLU A 81 -6.89 -4.59 -20.02
C GLU A 81 -7.18 -4.37 -18.55
N PRO A 82 -7.15 -3.08 -18.12
CA PRO A 82 -7.43 -2.80 -16.73
C PRO A 82 -8.82 -3.31 -16.35
N PRO A 83 -8.97 -3.84 -15.13
CA PRO A 83 -10.30 -4.25 -14.67
C PRO A 83 -11.28 -3.10 -14.70
N GLN A 84 -12.56 -3.44 -14.79
CA GLN A 84 -13.63 -2.49 -14.66
C GLN A 84 -13.45 -1.60 -13.42
N GLY A 85 -13.41 -0.28 -13.61
CA GLY A 85 -13.22 0.67 -12.53
C GLY A 85 -11.78 1.11 -12.31
N ALA A 86 -10.82 0.30 -12.76
CA ALA A 86 -9.39 0.64 -12.67
C ALA A 86 -8.97 1.53 -13.83
N HIS A 87 -7.83 2.19 -13.67
CA HIS A 87 -7.34 3.12 -14.71
C HIS A 87 -6.28 2.56 -15.63
N PHE A 88 -5.32 1.84 -15.05
CA PHE A 88 -4.16 1.37 -15.78
C PHE A 88 -3.88 -0.08 -15.43
N LEU A 89 -3.22 -0.76 -16.36
CA LEU A 89 -2.74 -2.15 -16.22
C LEU A 89 -1.26 -2.19 -16.60
N SER A 90 -0.42 -2.75 -15.73
CA SER A 90 0.98 -3.00 -16.09
C SER A 90 1.31 -4.46 -15.84
N ARG A 91 2.29 -4.96 -16.62
CA ARG A 91 2.74 -6.36 -16.57
C ARG A 91 3.92 -6.60 -15.62
N SER A 92 4.42 -5.54 -14.98
CA SER A 92 5.50 -5.66 -14.02
C SER A 92 5.64 -4.37 -13.24
N LEU A 93 6.30 -4.43 -12.10
CA LEU A 93 6.44 -3.26 -11.25
C LEU A 93 7.26 -2.19 -11.96
N ASP A 94 8.33 -2.62 -12.61
CA ASP A 94 9.18 -1.72 -13.37
C ASP A 94 8.38 -1.02 -14.44
N ASP A 95 7.56 -1.78 -15.18
CA ASP A 95 6.66 -1.22 -16.17
C ASP A 95 5.71 -0.18 -15.58
N ALA A 96 5.18 -0.46 -14.40
CA ALA A 96 4.26 0.45 -13.73
C ALA A 96 4.99 1.76 -13.38
N LEU A 97 6.19 1.63 -12.82
CA LEU A 97 6.98 2.82 -12.49
C LEU A 97 7.39 3.60 -13.75
N LYS A 98 7.81 2.90 -14.78
CA LYS A 98 8.10 3.56 -16.07
C LYS A 98 6.89 4.35 -16.57
N LEU A 99 5.71 3.79 -16.40
CA LEU A 99 4.50 4.41 -16.89
C LEU A 99 4.29 5.77 -16.21
N THR A 100 4.55 5.82 -14.90
CA THR A 100 4.45 7.08 -14.14
C THR A 100 5.45 8.14 -14.62
N GLU A 101 6.59 7.70 -15.16
CA GLU A 101 7.62 8.62 -15.65
C GLU A 101 7.36 9.10 -17.09
N GLN A 102 6.27 8.63 -17.71
CA GLN A 102 5.91 9.09 -19.06
C GLN A 102 5.47 10.54 -19.03
N PRO A 103 5.63 11.25 -20.17
CA PRO A 103 5.22 12.66 -20.26
C PRO A 103 3.75 12.87 -19.89
N GLU A 104 2.87 11.99 -20.36
CA GLU A 104 1.49 11.97 -19.89
C GLU A 104 1.50 12.15 -18.36
N LEU A 105 2.00 11.15 -17.63
CA LEU A 105 1.76 11.03 -16.19
C LEU A 105 2.71 11.80 -15.26
N ALA A 106 3.95 12.00 -15.69
CA ALA A 106 5.01 12.54 -14.80
C ALA A 106 4.65 13.90 -14.19
N ASN A 107 3.81 14.66 -14.88
CA ASN A 107 3.34 15.95 -14.37
C ASN A 107 2.09 15.83 -13.51
N LYS A 108 1.41 14.69 -13.55
CA LYS A 108 0.15 14.50 -12.83
C LYS A 108 0.28 13.80 -11.47
N VAL A 109 1.24 12.86 -11.37
CA VAL A 109 1.33 11.95 -10.21
C VAL A 109 2.31 12.48 -9.17
N ASP A 110 1.86 12.62 -7.93
CA ASP A 110 2.78 12.91 -6.83
C ASP A 110 3.31 11.58 -6.23
N MET A 111 2.70 11.09 -5.16
CA MET A 111 3.21 9.87 -4.49
C MET A 111 2.65 8.59 -5.12
N VAL A 112 3.50 7.58 -5.17
CA VAL A 112 3.13 6.24 -5.61
C VAL A 112 3.07 5.34 -4.38
N TRP A 113 1.92 4.70 -4.19
CA TRP A 113 1.65 3.87 -3.02
C TRP A 113 1.32 2.46 -3.48
N ILE A 114 2.17 1.51 -3.09
CA ILE A 114 1.89 0.08 -3.27
C ILE A 114 1.01 -0.40 -2.13
N VAL A 115 -0.19 -0.84 -2.49
CA VAL A 115 -1.19 -1.17 -1.48
C VAL A 115 -1.40 -2.69 -1.31
N GLY A 116 -0.57 -3.48 -2.00
CA GLY A 116 -0.58 -4.95 -1.90
C GLY A 116 -0.55 -5.61 -3.25
N GLY A 117 -0.39 -6.93 -3.30
CA GLY A 117 -0.31 -7.82 -2.13
C GLY A 117 1.11 -8.29 -1.88
N SER A 118 1.26 -9.50 -1.36
CA SER A 118 2.56 -10.02 -0.90
C SER A 118 3.70 -9.91 -1.91
N SER A 119 3.47 -10.40 -3.13
CA SER A 119 4.55 -10.43 -4.13
C SER A 119 4.89 -9.02 -4.59
N VAL A 120 3.92 -8.12 -4.59
CA VAL A 120 4.18 -6.75 -5.00
C VAL A 120 5.06 -6.07 -3.93
N TYR A 121 4.67 -6.22 -2.66
CA TYR A 121 5.43 -5.71 -1.54
C TYR A 121 6.86 -6.23 -1.61
N LYS A 122 7.01 -7.53 -1.79
CA LYS A 122 8.34 -8.18 -1.78
C LYS A 122 9.24 -7.61 -2.87
N GLU A 123 8.71 -7.56 -4.08
CA GLU A 123 9.37 -6.93 -5.22
C GLU A 123 9.82 -5.48 -4.93
N ALA A 124 8.91 -4.64 -4.49
CA ALA A 124 9.26 -3.24 -4.17
C ALA A 124 10.27 -3.19 -3.04
N MET A 125 10.09 -4.03 -2.01
CA MET A 125 10.92 -3.93 -0.82
C MET A 125 12.35 -4.32 -1.06
N ASN A 126 12.54 -5.22 -2.03
CA ASN A 126 13.84 -5.80 -2.35
C ASN A 126 14.48 -5.18 -3.59
N HIS A 127 14.01 -4.00 -3.95
CA HIS A 127 14.39 -3.32 -5.17
C HIS A 127 15.19 -2.10 -4.73
N PRO A 128 16.46 -1.95 -5.23
CA PRO A 128 17.22 -0.79 -4.77
C PRO A 128 16.50 0.53 -5.03
N GLY A 129 16.67 1.49 -4.13
CA GLY A 129 16.10 2.83 -4.30
C GLY A 129 15.57 3.34 -2.98
N HIS A 130 15.08 4.58 -3.00
CA HIS A 130 14.46 5.20 -1.85
C HIS A 130 13.04 4.62 -1.69
N LEU A 131 12.70 4.12 -0.51
CA LEU A 131 11.36 3.54 -0.26
C LEU A 131 10.96 3.66 1.21
N LYS A 132 9.71 4.05 1.45
CA LYS A 132 9.11 4.01 2.79
C LYS A 132 8.02 2.95 2.88
N LEU A 133 7.95 2.33 4.05
CA LEU A 133 6.89 1.39 4.37
C LEU A 133 6.09 1.96 5.53
N PHE A 134 4.81 2.13 5.29
CA PHE A 134 3.86 2.56 6.28
C PHE A 134 3.15 1.29 6.75
N VAL A 135 3.48 0.88 7.98
CA VAL A 135 3.07 -0.40 8.52
C VAL A 135 2.21 -0.20 9.75
N THR A 136 0.98 -0.66 9.66
CA THR A 136 0.11 -0.79 10.83
C THR A 136 0.32 -2.18 11.46
N ARG A 137 0.81 -2.16 12.69
CA ARG A 137 0.99 -3.36 13.50
C ARG A 137 -0.29 -3.70 14.25
N ILE A 138 -1.01 -4.71 13.78
CA ILE A 138 -2.19 -5.22 14.48
C ILE A 138 -1.62 -6.14 15.56
N MET A 139 -1.77 -5.77 16.82
CA MET A 139 -1.00 -6.43 17.91
C MET A 139 -1.73 -7.64 18.51
N GLN A 140 -2.19 -8.52 17.62
CA GLN A 140 -2.77 -9.81 17.93
C GLN A 140 -2.42 -10.77 16.78
N ASP A 141 -2.52 -12.07 17.05
CA ASP A 141 -2.36 -13.09 16.02
C ASP A 141 -3.73 -13.29 15.40
N PHE A 142 -3.77 -13.38 14.08
CA PHE A 142 -5.01 -13.65 13.35
C PHE A 142 -4.70 -14.70 12.28
N GLU A 143 -5.57 -15.71 12.20
CA GLU A 143 -5.38 -16.74 11.19
C GLU A 143 -5.37 -16.08 9.81
N SER A 144 -4.37 -16.42 9.00
CA SER A 144 -4.13 -15.76 7.73
C SER A 144 -3.65 -16.78 6.70
N ASP A 145 -3.83 -16.46 5.41
CA ASP A 145 -3.21 -17.26 4.35
C ASP A 145 -2.31 -16.46 3.39
N THR A 146 -2.16 -15.15 3.67
CA THR A 146 -1.27 -14.30 2.91
C THR A 146 -0.46 -13.49 3.93
N PHE A 147 0.84 -13.37 3.74
CA PHE A 147 1.72 -12.75 4.73
C PHE A 147 2.55 -11.62 4.12
N PHE A 148 2.88 -10.63 4.94
CA PHE A 148 3.81 -9.57 4.54
C PHE A 148 5.23 -10.14 4.48
N PRO A 149 6.01 -9.72 3.47
CA PRO A 149 7.37 -10.23 3.46
C PRO A 149 8.19 -9.65 4.60
N GLU A 150 9.31 -10.31 4.88
CA GLU A 150 10.24 -9.87 5.90
C GLU A 150 10.71 -8.45 5.65
N ILE A 151 10.75 -7.66 6.70
CA ILE A 151 11.37 -6.33 6.63
C ILE A 151 12.81 -6.47 7.10
N ASP A 152 13.76 -6.20 6.20
CA ASP A 152 15.16 -6.24 6.54
C ASP A 152 15.54 -4.96 7.28
N LEU A 153 15.73 -5.06 8.59
CA LEU A 153 15.99 -3.87 9.40
C LEU A 153 17.41 -3.40 9.29
N GLU A 154 18.26 -4.17 8.62
CA GLU A 154 19.59 -3.69 8.29
C GLU A 154 19.48 -2.52 7.31
N LYS A 155 18.45 -2.54 6.46
CA LYS A 155 18.27 -1.44 5.54
C LYS A 155 17.02 -0.59 5.82
N TYR A 156 15.95 -1.14 6.40
CA TYR A 156 14.75 -0.31 6.73
C TYR A 156 14.85 0.23 8.16
N LYS A 157 14.95 1.54 8.31
CA LYS A 157 15.02 2.15 9.64
C LYS A 157 13.64 2.55 10.07
N LEU A 158 13.24 2.15 11.27
CA LEU A 158 11.97 2.58 11.86
C LEU A 158 12.12 4.03 12.29
N LEU A 159 11.27 4.91 11.78
CA LEU A 159 11.34 6.34 12.08
C LEU A 159 10.71 6.66 13.45
N PRO A 160 11.33 7.56 14.21
CA PRO A 160 10.88 7.83 15.60
C PRO A 160 9.49 8.49 15.74
N GLU A 161 9.09 9.19 14.70
CA GLU A 161 7.71 9.67 14.52
C GLU A 161 7.63 10.13 13.06
N TYR A 162 6.43 10.53 12.63
CA TYR A 162 6.23 10.95 11.27
C TYR A 162 4.95 11.83 11.20
N PRO A 163 5.01 12.94 10.43
CA PRO A 163 3.86 13.84 10.39
C PRO A 163 2.61 13.19 9.85
N GLY A 164 1.50 13.45 10.53
CA GLY A 164 0.22 12.91 10.11
C GLY A 164 0.03 11.47 10.51
N VAL A 165 0.97 10.92 11.27
CA VAL A 165 0.85 9.55 11.74
C VAL A 165 0.84 9.59 13.26
N LEU A 166 -0.21 9.08 13.89
CA LEU A 166 -0.26 9.05 15.35
C LEU A 166 0.79 8.08 15.86
N SER A 167 1.48 8.43 16.96
CA SER A 167 2.58 7.60 17.51
C SER A 167 2.14 6.67 18.64
N ASP A 168 0.93 6.88 19.17
CA ASP A 168 0.48 6.07 20.29
C ASP A 168 -0.41 4.89 19.86
N VAL A 169 -0.74 4.05 20.82
CA VAL A 169 -1.51 2.85 20.55
C VAL A 169 -2.98 3.21 20.30
N GLN A 170 -3.54 2.62 19.25
CA GLN A 170 -4.92 2.76 18.92
C GLN A 170 -5.63 1.50 19.32
N GLU A 171 -6.95 1.58 19.47
CA GLU A 171 -7.76 0.40 19.71
C GLU A 171 -9.15 0.53 19.07
N GLU A 172 -9.52 -0.50 18.31
CA GLU A 172 -10.87 -0.64 17.77
C GLU A 172 -11.34 -2.10 17.90
N LYS A 173 -12.60 -2.27 18.30
CA LYS A 173 -13.22 -3.59 18.45
C LYS A 173 -12.37 -4.52 19.31
N GLY A 174 -11.86 -3.96 20.41
CA GLY A 174 -11.01 -4.68 21.34
C GLY A 174 -9.63 -5.07 20.78
N ILE A 175 -9.27 -4.55 19.62
CA ILE A 175 -8.00 -4.87 18.96
C ILE A 175 -7.10 -3.64 18.98
N LYS A 176 -5.99 -3.76 19.70
CA LYS A 176 -4.96 -2.72 19.76
C LYS A 176 -4.04 -2.76 18.52
N TYR A 177 -3.67 -1.58 18.05
CA TYR A 177 -2.76 -1.48 16.94
C TYR A 177 -2.00 -0.16 16.97
N LYS A 178 -0.91 -0.11 16.23
CA LYS A 178 -0.09 1.13 16.16
C LYS A 178 0.46 1.31 14.77
N PHE A 179 0.74 2.57 14.44
CA PHE A 179 1.25 2.97 13.15
C PHE A 179 2.75 3.17 13.19
N GLU A 180 3.43 2.61 12.18
CA GLU A 180 4.87 2.71 12.03
C GLU A 180 5.23 3.14 10.63
N VAL A 181 6.37 3.82 10.53
CA VAL A 181 6.96 4.15 9.24
C VAL A 181 8.42 3.74 9.22
N TYR A 182 8.79 3.00 8.18
CA TYR A 182 10.15 2.55 7.91
C TYR A 182 10.65 3.23 6.65
N GLU A 183 11.96 3.44 6.56
CA GLU A 183 12.55 4.09 5.40
C GLU A 183 13.91 3.45 5.06
N LYS A 184 14.11 3.07 3.80
CA LYS A 184 15.43 2.70 3.29
C LYS A 184 15.84 3.60 2.13
N ASN A 185 17.13 3.56 1.82
CA ASN A 185 17.67 4.25 0.66
C ASN A 185 18.97 3.57 0.22
N ASP A 186 18.87 2.69 -0.76
CA ASP A 186 20.02 1.88 -1.23
C ASP A 186 20.00 1.69 -2.73
PA NDP B . -1.76 -9.70 -5.12
O1A NDP B . -0.31 -9.43 -5.05
O2A NDP B . -2.70 -8.57 -4.91
O5B NDP B . -2.15 -10.27 -6.55
C5B NDP B . -1.39 -11.29 -7.17
C4B NDP B . -1.57 -11.20 -8.69
O4B NDP B . -1.20 -9.90 -9.22
C3B NDP B . -0.67 -12.22 -9.41
O3B NDP B . -1.38 -13.44 -9.62
C2B NDP B . -0.42 -11.51 -10.74
O2B NDP B . -1.58 -11.61 -11.58
C1B NDP B . -0.33 -10.06 -10.32
N9A NDP B . 1.05 -9.60 -9.91
C8A NDP B . 1.66 -9.54 -8.72
N7A NDP B . 2.88 -9.01 -8.93
C5A NDP B . 3.01 -8.71 -10.22
C6A NDP B . 4.00 -8.16 -10.96
N6A NDP B . 5.13 -7.79 -10.36
N1A NDP B . 3.88 -7.98 -12.29
C2A NDP B . 2.69 -8.35 -12.92
N3A NDP B . 1.69 -8.92 -12.15
C4A NDP B . 1.87 -9.08 -10.83
O3 NDP B . -2.13 -11.05 -4.29
PN NDP B . -1.99 -11.48 -2.71
O1N NDP B . -0.57 -11.39 -2.34
O2N NDP B . -2.73 -12.75 -2.58
O5D NDP B . -2.85 -10.32 -1.89
C5D NDP B . -4.29 -10.28 -1.71
C4D NDP B . -4.53 -10.69 -0.28
O4D NDP B . -3.91 -9.81 0.72
C3D NDP B . -6.03 -10.61 0.00
O3D NDP B . -6.30 -11.54 1.04
C2D NDP B . -6.23 -9.20 0.48
O2D NDP B . -7.40 -9.08 1.31
C1D NDP B . -5.00 -9.04 1.36
N1N NDP B . -4.48 -7.67 1.43
C2N NDP B . -4.21 -7.16 2.69
C3N NDP B . -3.62 -5.93 2.86
C7N NDP B . -3.32 -5.42 4.16
O7N NDP B . -2.80 -4.32 4.25
N7N NDP B . -3.65 -6.15 5.23
C4N NDP B . -3.23 -5.16 1.72
C5N NDP B . -3.51 -5.72 0.45
C6N NDP B . -4.09 -6.96 0.29
P2B NDP B . -1.60 -12.57 -12.81
O1X NDP B . -0.31 -12.21 -13.46
O2X NDP B . -1.66 -13.92 -12.27
O3X NDP B . -2.80 -12.13 -13.52
C2 9QO C . -3.40 -0.47 5.48
C4 9QO C . -3.48 -1.35 3.33
C5 9QO C . -4.84 -1.69 3.46
C6 9QO C . -5.45 -1.38 4.70
C9 9QO C . -6.80 -1.69 5.04
C10 9QO C . -7.55 -0.40 5.17
C12 9QO C . -5.58 -1.72 1.14
C14 9QO C . -6.95 -3.50 0.25
C16 9QO C . -6.25 -3.50 2.56
C18 9QO C . -8.73 -5.66 0.93
C20 9QO C . -10.62 -5.55 2.55
C11 9QO C . -5.55 -2.31 2.40
C13 9QO C . -6.25 -2.31 0.06
C15 9QO C . -6.96 -4.11 1.51
N1 9QO C . -4.70 -0.79 5.67
C19 9QO C . -9.72 -6.49 1.75
C25 9QO C . -13.99 -1.94 3.00
C23 9QO C . -11.99 -2.50 1.90
C27 9QO C . -13.44 -4.23 2.78
C22 9QO C . -12.26 -3.86 2.12
N3 9QO C . -2.80 -0.76 4.31
C30 9QO C . -10.85 -2.07 1.23
N29 9QO C . -14.82 -1.00 3.44
N24 9QO C . -12.87 -1.57 2.36
C31 9QO C . -9.77 -1.93 2.29
N26 9QO C . -14.28 -3.26 3.21
N28 9QO C . -13.70 -5.53 2.96
O21 9QO C . -11.40 -4.80 1.63
O17 9QO C . -7.62 -5.28 1.77
N8 9QO C . -2.85 -1.61 2.18
N7 9QO C . -2.71 0.12 6.45
S SO4 D . 10.49 -13.14 2.21
O1 SO4 D . 11.34 -14.31 2.52
O2 SO4 D . 9.60 -13.50 1.07
O3 SO4 D . 11.36 -12.02 1.78
O4 SO4 D . 9.68 -12.76 3.39
S SO4 E . 21.04 4.26 12.78
O1 SO4 E . 20.48 4.80 11.52
O2 SO4 E . 22.16 3.35 12.46
O3 SO4 E . 21.53 5.35 13.67
O4 SO4 E . 19.98 3.49 13.47
S SO4 F . -14.74 0.12 19.50
O1 SO4 F . -14.72 0.46 18.07
O2 SO4 F . -15.66 -1.03 19.73
O3 SO4 F . -15.23 1.28 20.30
O4 SO4 F . -13.38 -0.21 19.98
#